data_6ACP
#
_entry.id   6ACP
#
_cell.length_a   56.078
_cell.length_b   41.267
_cell.length_c   61.334
_cell.angle_alpha   90.00
_cell.angle_beta   108.37
_cell.angle_gamma   90.00
#
_symmetry.space_group_name_H-M   'P 1 21 1'
#
loop_
_entity.id
_entity.type
_entity.pdbx_description
1 polymer 'NAD-dependent protein deacylase sirtuin-5, mitochondrial'
2 polymer 'succinyl peptide H4K91'
3 non-polymer 'ZINC ION'
4 water water
#
loop_
_entity_poly.entity_id
_entity_poly.type
_entity_poly.pdbx_seq_one_letter_code
_entity_poly.pdbx_strand_id
1 'polypeptide(L)'
;PSSSMADFRKFFAKAKHIVIISGAGVSAESGVPTFRGAGGYWRKWQAQDLATPLAFAHNPSRVWEFYHYRREVMGSKEPN
AGHRAIAECETRLGKQGRRVVVITQNIDELHRKAGTKNLLEIHGSLFKTRCTSCGVVAENYKSPICPALSGKGAPEPGTQ
DASIPVEKLPRCEEAGCGGLLRPHVVWFGENLDPAILEEVDRELAHCDLCLVVGTSSVVYPAAMFAPQVAARGVPVAEFN
TETTPATNRFRFHFQGPCGTTLPEALA
;
A
2 'polypeptide(L)' YAL(SLL)RQG B
#
loop_
_chem_comp.id
_chem_comp.type
_chem_comp.name
_chem_comp.formula
ZN non-polymer 'ZINC ION' 'Zn 2'
#
# COMPACT_ATOMS: atom_id res chain seq x y z
N PRO A 1 -22.62 -5.04 13.40
CA PRO A 1 -22.02 -3.88 12.76
C PRO A 1 -22.99 -3.25 11.80
N SER A 2 -23.24 -1.98 12.04
CA SER A 2 -24.30 -1.27 11.40
C SER A 2 -24.03 -1.19 9.92
N SER A 3 -25.09 -1.16 9.11
CA SER A 3 -24.96 -0.78 7.67
C SER A 3 -25.61 0.56 7.37
N SER A 4 -25.63 1.46 8.38
CA SER A 4 -26.31 2.77 8.27
C SER A 4 -25.38 3.94 7.99
N MET A 5 -25.51 4.53 6.81
CA MET A 5 -24.70 5.72 6.40
C MET A 5 -25.02 6.98 7.16
N ALA A 6 -26.30 7.21 7.45
CA ALA A 6 -26.73 8.42 8.19
C ALA A 6 -26.04 8.57 9.54
N ASP A 7 -26.00 7.46 10.27
CA ASP A 7 -25.23 7.39 11.51
C ASP A 7 -23.73 7.65 11.27
N PHE A 8 -23.16 7.12 10.19
CA PHE A 8 -21.76 7.45 9.87
C PHE A 8 -21.49 8.93 9.65
N ARG A 9 -22.33 9.55 8.83
CA ARG A 9 -22.18 10.98 8.45
C ARG A 9 -22.29 11.92 9.64
N LYS A 10 -22.97 11.48 10.69
CA LYS A 10 -23.07 12.23 11.93
C LYS A 10 -21.74 12.28 12.68
N PHE A 11 -21.05 11.16 12.82
CA PHE A 11 -19.66 11.21 13.30
C PHE A 11 -18.76 11.97 12.31
N PHE A 12 -18.99 11.74 11.01
CA PHE A 12 -18.12 12.35 10.00
C PHE A 12 -18.05 13.88 10.04
N ALA A 13 -19.20 14.54 10.17
CA ALA A 13 -19.22 16.00 10.15
C ALA A 13 -18.45 16.60 11.34
N LYS A 14 -18.47 15.89 12.47
CA LYS A 14 -17.80 16.35 13.70
C LYS A 14 -16.29 16.04 13.77
N ALA A 15 -15.88 14.87 13.25
CA ALA A 15 -14.50 14.39 13.43
C ALA A 15 -13.39 15.36 13.00
N LYS A 16 -12.31 15.43 13.78
CA LYS A 16 -11.25 16.47 13.58
C LYS A 16 -9.84 15.95 13.21
N HIS A 17 -9.54 14.77 13.70
CA HIS A 17 -8.49 13.89 13.22
C HIS A 17 -9.23 12.63 12.78
N ILE A 18 -9.09 12.35 11.47
CA ILE A 18 -9.64 11.21 10.75
C ILE A 18 -8.45 10.46 10.14
N VAL A 19 -8.34 9.17 10.36
CA VAL A 19 -7.25 8.41 9.78
C VAL A 19 -7.93 7.49 8.74
N ILE A 20 -7.36 7.34 7.56
CA ILE A 20 -7.92 6.44 6.54
C ILE A 20 -6.90 5.38 6.28
N ILE A 21 -7.24 4.12 6.52
CA ILE A 21 -6.31 3.03 6.21
C ILE A 21 -6.74 2.40 4.90
N SER A 22 -5.83 2.31 3.94
CA SER A 22 -6.18 1.85 2.58
C SER A 22 -5.37 0.64 2.20
N GLY A 23 -6.03 -0.27 1.52
CA GLY A 23 -5.51 -1.61 1.24
C GLY A 23 -5.61 -1.79 -0.22
N ALA A 24 -5.28 -3.00 -0.65
CA ALA A 24 -5.24 -3.35 -2.07
C ALA A 24 -6.58 -3.22 -2.81
N GLY A 25 -7.69 -3.32 -2.09
CA GLY A 25 -9.01 -3.07 -2.63
C GLY A 25 -9.11 -1.77 -3.42
N VAL A 26 -8.47 -0.70 -2.94
CA VAL A 26 -8.53 0.58 -3.67
C VAL A 26 -7.78 0.60 -5.03
N SER A 27 -6.66 -0.10 -5.11
CA SER A 27 -5.83 -0.18 -6.32
C SER A 27 -6.44 -1.10 -7.37
N ALA A 28 -6.98 -2.22 -6.93
CA ALA A 28 -7.73 -3.13 -7.81
C ALA A 28 -8.88 -2.42 -8.54
N GLU A 29 -9.43 -1.35 -7.98
CA GLU A 29 -10.44 -0.57 -8.68
C GLU A 29 -9.87 0.35 -9.75
N SER A 30 -8.55 0.52 -9.76
CA SER A 30 -7.84 1.17 -10.87
C SER A 30 -7.34 0.15 -11.88
N GLY A 31 -7.61 -1.13 -11.68
CA GLY A 31 -7.04 -2.18 -12.53
C GLY A 31 -5.58 -2.53 -12.26
N VAL A 32 -5.08 -2.16 -11.08
CA VAL A 32 -3.72 -2.51 -10.68
C VAL A 32 -3.80 -3.94 -10.16
N PRO A 33 -2.95 -4.84 -10.68
CA PRO A 33 -3.01 -6.23 -10.21
C PRO A 33 -2.46 -6.36 -8.80
N THR A 34 -3.29 -6.77 -7.88
CA THR A 34 -2.80 -7.06 -6.57
C THR A 34 -2.67 -8.55 -6.54
N PHE A 35 -1.47 -9.01 -6.31
CA PHE A 35 -1.13 -10.42 -6.47
C PHE A 35 -1.38 -11.14 -5.14
N ARG A 36 -2.59 -10.98 -4.62
CA ARG A 36 -2.97 -11.38 -3.26
C ARG A 36 -4.13 -12.38 -3.18
N GLY A 37 -4.63 -12.88 -4.33
CA GLY A 37 -5.60 -13.98 -4.33
C GLY A 37 -7.00 -13.55 -3.95
N GLY A 40 -3.86 -12.41 -10.40
CA GLY A 40 -3.71 -12.97 -9.08
C GLY A 40 -2.32 -13.53 -8.90
N TYR A 41 -1.73 -13.94 -10.00
CA TYR A 41 -0.44 -14.53 -9.95
C TYR A 41 0.44 -13.85 -10.94
N TRP A 42 1.73 -13.89 -10.70
CA TRP A 42 2.69 -13.50 -11.68
C TRP A 42 3.37 -14.80 -11.99
N ARG A 43 3.27 -15.20 -13.24
CA ARG A 43 3.66 -16.55 -13.63
C ARG A 43 3.05 -17.55 -12.62
N LYS A 44 3.87 -18.37 -11.97
CA LYS A 44 3.38 -19.36 -11.01
C LYS A 44 3.53 -18.93 -9.54
N TRP A 45 3.38 -17.63 -9.26
CA TRP A 45 3.64 -17.07 -7.93
C TRP A 45 2.67 -15.94 -7.61
N GLN A 46 2.46 -15.74 -6.32
CA GLN A 46 1.76 -14.59 -5.80
C GLN A 46 2.76 -13.74 -5.02
N ALA A 47 2.32 -12.56 -4.59
CA ALA A 47 3.17 -11.60 -3.89
C ALA A 47 3.84 -12.24 -2.69
N GLN A 48 3.10 -13.05 -1.96
CA GLN A 48 3.63 -13.71 -0.79
C GLN A 48 4.88 -14.58 -1.09
N ASP A 49 4.95 -15.19 -2.28
CA ASP A 49 6.11 -16.04 -2.63
C ASP A 49 7.37 -15.22 -3.01
N LEU A 50 7.22 -13.97 -3.45
CA LEU A 50 8.32 -13.17 -4.02
C LEU A 50 8.73 -11.96 -3.20
N ALA A 51 7.78 -11.37 -2.49
CA ALA A 51 8.05 -10.28 -1.59
C ALA A 51 8.64 -10.85 -0.29
N THR A 52 9.76 -11.57 -0.35
CA THR A 52 10.40 -12.14 0.86
C THR A 52 11.93 -11.98 0.72
N PRO A 53 12.65 -11.83 1.84
CA PRO A 53 14.11 -11.70 1.71
C PRO A 53 14.77 -12.95 1.15
N LEU A 54 14.14 -14.09 1.37
CA LEU A 54 14.66 -15.37 0.92
C LEU A 54 14.58 -15.45 -0.60
N ALA A 55 13.43 -15.03 -1.15
CA ALA A 55 13.24 -15.03 -2.60
C ALA A 55 14.31 -14.16 -3.28
N PHE A 56 14.59 -13.01 -2.69
CA PHE A 56 15.59 -12.10 -3.19
C PHE A 56 17.02 -12.62 -3.07
N ALA A 57 17.34 -13.31 -1.97
CA ALA A 57 18.66 -13.94 -1.78
C ALA A 57 18.93 -15.07 -2.76
N HIS A 58 17.95 -15.90 -2.98
CA HIS A 58 18.09 -17.07 -3.84
C HIS A 58 17.89 -16.74 -5.32
N ASN A 59 16.95 -15.85 -5.63
CA ASN A 59 16.63 -15.51 -7.02
C ASN A 59 16.35 -14.02 -7.21
N PRO A 60 17.37 -13.19 -7.06
CA PRO A 60 17.19 -11.73 -7.11
C PRO A 60 16.72 -11.28 -8.51
N SER A 61 17.24 -11.97 -9.53
CA SER A 61 16.79 -11.83 -10.91
C SER A 61 15.30 -12.00 -11.07
N ARG A 62 14.75 -13.06 -10.49
CA ARG A 62 13.30 -13.30 -10.52
C ARG A 62 12.52 -12.23 -9.81
N VAL A 63 13.06 -11.78 -8.67
CA VAL A 63 12.33 -10.83 -7.86
C VAL A 63 12.31 -9.50 -8.59
N TRP A 64 13.45 -9.11 -9.15
CA TRP A 64 13.52 -7.88 -9.89
C TRP A 64 12.65 -7.89 -11.14
N GLU A 65 12.51 -9.06 -11.77
CA GLU A 65 11.62 -9.21 -12.91
C GLU A 65 10.24 -8.88 -12.55
N PHE A 66 9.85 -9.41 -11.40
CA PHE A 66 8.53 -9.20 -10.87
C PHE A 66 8.28 -7.72 -10.60
N TYR A 67 9.20 -7.08 -9.88
CA TYR A 67 8.98 -5.67 -9.55
C TYR A 67 9.05 -4.81 -10.77
N HIS A 68 9.96 -5.14 -11.67
CA HIS A 68 10.02 -4.49 -12.98
C HIS A 68 8.65 -4.52 -13.67
N TYR A 69 8.05 -5.71 -13.78
CA TYR A 69 6.70 -5.86 -14.30
C TYR A 69 5.77 -4.88 -13.66
N ARG A 70 5.78 -4.84 -12.34
CA ARG A 70 4.82 -4.05 -11.60
C ARG A 70 5.03 -2.55 -11.81
N ARG A 71 6.29 -2.18 -11.98
CA ARG A 71 6.67 -0.80 -12.17
C ARG A 71 6.10 -0.33 -13.51
N GLU A 72 6.37 -1.09 -14.56
CA GLU A 72 5.95 -0.78 -15.93
C GLU A 72 4.46 -0.75 -16.14
N VAL A 73 3.78 -1.68 -15.51
CA VAL A 73 2.33 -1.73 -15.54
C VAL A 73 1.70 -0.44 -15.00
N MET A 74 2.30 0.17 -13.98
CA MET A 74 1.75 1.43 -13.40
C MET A 74 1.66 2.64 -14.34
N GLY A 75 2.53 2.71 -15.35
CA GLY A 75 2.51 3.78 -16.34
C GLY A 75 1.14 4.14 -16.92
N SER A 76 0.40 3.15 -17.38
CA SER A 76 -0.94 3.39 -17.93
C SER A 76 -1.98 3.75 -16.86
N LYS A 77 -1.77 3.28 -15.63
CA LYS A 77 -2.78 3.31 -14.56
C LYS A 77 -3.01 4.68 -13.97
N GLU A 78 -4.22 4.92 -13.49
CA GLU A 78 -4.60 6.20 -12.91
C GLU A 78 -5.42 6.03 -11.62
N PRO A 79 -5.44 7.07 -10.75
CA PRO A 79 -6.34 7.06 -9.59
C PRO A 79 -7.83 6.99 -9.93
N ASN A 80 -8.61 6.39 -9.02
CA ASN A 80 -10.02 6.17 -9.22
C ASN A 80 -10.87 7.05 -8.33
N ALA A 81 -12.17 6.92 -8.43
CA ALA A 81 -13.08 7.79 -7.72
C ALA A 81 -12.83 7.69 -6.22
N GLY A 82 -12.47 6.49 -5.75
CA GLY A 82 -12.10 6.30 -4.33
C GLY A 82 -10.85 7.08 -3.95
N HIS A 83 -9.82 6.98 -4.78
CA HIS A 83 -8.61 7.77 -4.56
C HIS A 83 -8.87 9.26 -4.57
N ARG A 84 -9.66 9.72 -5.54
CA ARG A 84 -9.96 11.14 -5.66
C ARG A 84 -10.79 11.71 -4.49
N ALA A 85 -11.83 10.99 -4.12
CA ALA A 85 -12.67 11.35 -3.00
C ALA A 85 -11.90 11.53 -1.71
N ILE A 86 -10.85 10.71 -1.52
CA ILE A 86 -10.04 10.77 -0.31
C ILE A 86 -9.12 11.96 -0.34
N ALA A 87 -8.56 12.23 -1.51
CA ALA A 87 -7.69 13.37 -1.67
C ALA A 87 -8.44 14.72 -1.59
N GLU A 88 -9.65 14.79 -2.13
CA GLU A 88 -10.47 16.02 -2.06
C GLU A 88 -10.83 16.34 -0.60
N CYS A 89 -11.40 15.33 0.05
CA CYS A 89 -11.71 15.37 1.49
C CYS A 89 -10.56 15.90 2.35
N GLU A 90 -9.33 15.53 2.04
CA GLU A 90 -8.17 16.00 2.79
C GLU A 90 -7.87 17.48 2.56
N THR A 91 -8.08 17.95 1.33
CA THR A 91 -7.95 19.37 1.02
C THR A 91 -9.07 20.16 1.68
N ARG A 92 -10.30 19.73 1.43
CA ARG A 92 -11.49 20.36 2.00
C ARG A 92 -11.42 20.49 3.53
N LEU A 93 -11.24 19.36 4.23
CA LEU A 93 -11.14 19.36 5.70
C LEU A 93 -9.91 20.09 6.24
N GLY A 94 -8.80 20.03 5.52
CA GLY A 94 -7.63 20.86 5.87
C GLY A 94 -8.04 22.29 6.19
N LYS A 95 -8.82 22.87 5.28
CA LYS A 95 -9.29 24.28 5.39
C LYS A 95 -10.25 24.58 6.56
N GLN A 96 -10.83 23.54 7.16
CA GLN A 96 -11.68 23.68 8.34
C GLN A 96 -10.91 23.42 9.67
N GLY A 97 -9.58 23.45 9.64
CA GLY A 97 -8.75 23.08 10.79
C GLY A 97 -8.78 21.59 11.16
N ARG A 98 -9.21 20.75 10.22
CA ARG A 98 -9.40 19.33 10.47
C ARG A 98 -8.32 18.56 9.72
N ARG A 99 -7.81 17.50 10.36
CA ARG A 99 -6.73 16.69 9.80
C ARG A 99 -7.30 15.43 9.21
N VAL A 100 -6.72 15.03 8.08
CA VAL A 100 -6.99 13.75 7.43
C VAL A 100 -5.67 13.12 7.07
N VAL A 101 -5.46 11.85 7.43
CA VAL A 101 -4.19 11.19 7.09
C VAL A 101 -4.52 9.90 6.41
N VAL A 102 -3.77 9.55 5.38
CA VAL A 102 -3.98 8.28 4.73
C VAL A 102 -2.82 7.42 5.08
N ILE A 103 -3.11 6.23 5.56
CA ILE A 103 -2.05 5.24 5.82
C ILE A 103 -2.28 4.12 4.84
N THR A 104 -1.34 3.89 3.94
CA THR A 104 -1.57 2.93 2.89
C THR A 104 -0.61 1.78 2.99
N GLN A 105 -1.19 0.60 2.87
CA GLN A 105 -0.48 -0.64 2.60
C GLN A 105 0.00 -0.74 1.19
N ASN A 106 -0.55 0.08 0.28
CA ASN A 106 -0.11 0.03 -1.12
C ASN A 106 1.27 0.67 -1.44
N ILE A 107 1.93 0.10 -2.44
CA ILE A 107 3.22 0.50 -2.91
C ILE A 107 3.16 1.15 -4.29
N ASP A 108 1.96 1.34 -4.84
CA ASP A 108 1.82 1.85 -6.22
C ASP A 108 1.78 3.33 -6.39
N GLU A 109 1.77 4.10 -5.31
CA GLU A 109 1.77 5.58 -5.33
C GLU A 109 0.55 6.29 -5.98
N LEU A 110 -0.51 5.53 -6.25
CA LEU A 110 -1.75 6.11 -6.78
C LEU A 110 -2.37 7.15 -5.85
N HIS A 111 -2.22 6.99 -4.54
CA HIS A 111 -2.65 8.06 -3.65
C HIS A 111 -1.91 9.37 -3.87
N ARG A 112 -0.59 9.30 -4.13
CA ARG A 112 0.21 10.50 -4.40
C ARG A 112 -0.31 11.18 -5.66
N LYS A 113 -0.40 10.42 -6.75
CA LYS A 113 -0.89 10.94 -8.01
C LYS A 113 -2.22 11.59 -7.86
N ALA A 114 -3.05 11.14 -6.91
CA ALA A 114 -4.39 11.72 -6.74
C ALA A 114 -4.48 13.05 -6.00
N GLY A 115 -3.42 13.46 -5.30
CA GLY A 115 -3.47 14.66 -4.48
C GLY A 115 -3.16 14.50 -2.99
N THR A 116 -3.25 13.29 -2.45
CA THR A 116 -3.06 13.05 -1.02
C THR A 116 -1.69 13.52 -0.54
N LYS A 117 -1.64 14.38 0.47
CA LYS A 117 -0.41 14.94 1.00
C LYS A 117 0.07 14.18 2.23
N ASN A 118 -0.84 13.94 3.17
CA ASN A 118 -0.53 13.30 4.45
C ASN A 118 -0.67 11.82 4.17
N LEU A 119 0.41 11.27 3.65
CA LEU A 119 0.44 9.90 3.20
C LEU A 119 1.55 9.19 3.91
N LEU A 120 1.22 8.06 4.55
CA LEU A 120 2.21 7.19 5.12
C LEU A 120 2.21 5.85 4.37
N GLU A 121 3.27 5.59 3.61
CA GLU A 121 3.38 4.41 2.81
C GLU A 121 4.08 3.36 3.64
N ILE A 122 3.31 2.62 4.41
CA ILE A 122 3.89 1.73 5.41
C ILE A 122 4.70 0.59 4.85
N HIS A 123 4.46 0.25 3.59
CA HIS A 123 5.19 -0.81 2.93
C HIS A 123 6.23 -0.34 1.91
N GLY A 124 6.51 0.94 1.80
CA GLY A 124 7.50 1.41 0.86
C GLY A 124 6.83 1.73 -0.47
N SER A 125 7.64 1.84 -1.52
CA SER A 125 7.17 2.18 -2.81
C SER A 125 7.91 1.40 -3.87
N LEU A 126 7.14 0.95 -4.87
CA LEU A 126 7.59 0.57 -6.19
C LEU A 126 8.67 1.43 -6.84
N PHE A 127 8.63 2.72 -6.58
CA PHE A 127 9.46 3.62 -7.31
C PHE A 127 10.56 4.19 -6.39
N LYS A 128 10.97 3.43 -5.40
CA LYS A 128 12.14 3.72 -4.64
C LYS A 128 12.91 2.44 -4.58
N THR A 129 14.22 2.57 -4.68
CA THR A 129 15.17 1.48 -4.52
C THR A 129 15.96 1.71 -3.25
N ARG A 130 16.59 0.65 -2.77
CA ARG A 130 17.47 0.76 -1.63
C ARG A 130 18.70 -0.08 -1.91
N CYS A 131 19.89 0.49 -1.73
CA CYS A 131 21.14 -0.23 -2.01
C CYS A 131 21.43 -1.15 -0.86
N THR A 132 21.68 -2.40 -1.16
CA THR A 132 21.98 -3.38 -0.13
C THR A 132 23.46 -3.33 0.33
N SER A 133 24.28 -2.46 -0.26
CA SER A 133 25.65 -2.22 0.21
C SER A 133 25.66 -1.02 1.13
N CYS A 134 25.33 0.17 0.59
CA CYS A 134 25.33 1.45 1.38
C CYS A 134 23.99 1.92 2.01
N GLY A 135 22.87 1.27 1.73
CA GLY A 135 21.61 1.69 2.35
C GLY A 135 20.99 3.01 1.86
N VAL A 136 21.57 3.70 0.89
CA VAL A 136 20.89 4.91 0.42
C VAL A 136 19.54 4.52 -0.24
N VAL A 137 18.50 5.21 0.16
CA VAL A 137 17.17 5.10 -0.43
C VAL A 137 17.05 6.16 -1.49
N ALA A 138 16.79 5.77 -2.74
CA ALA A 138 16.64 6.74 -3.87
C ALA A 138 15.33 6.53 -4.61
N GLU A 139 14.66 7.62 -4.92
CA GLU A 139 13.53 7.59 -5.85
C GLU A 139 14.05 7.09 -7.17
N ASN A 140 13.34 6.19 -7.83
CA ASN A 140 13.72 5.77 -9.16
C ASN A 140 12.53 5.47 -10.05
N TYR A 141 12.29 6.31 -11.05
CA TYR A 141 11.17 6.09 -11.99
C TYR A 141 11.62 5.62 -13.37
N LYS A 142 12.92 5.37 -13.55
CA LYS A 142 13.49 4.98 -14.84
C LYS A 142 12.87 3.70 -15.41
N SER A 143 12.51 3.74 -16.69
CA SER A 143 11.91 2.60 -17.40
C SER A 143 12.77 2.23 -18.62
N PRO A 144 13.32 1.01 -18.70
CA PRO A 144 13.43 0.05 -17.59
C PRO A 144 14.46 0.52 -16.53
N ILE A 145 14.25 0.15 -15.28
CA ILE A 145 15.21 0.41 -14.19
C ILE A 145 16.67 0.06 -14.53
N CYS A 146 16.89 -1.04 -15.26
CA CYS A 146 18.23 -1.30 -15.82
C CYS A 146 18.13 -1.95 -17.19
N PRO A 147 19.21 -1.89 -17.99
CA PRO A 147 19.14 -2.33 -19.38
C PRO A 147 18.85 -3.80 -19.50
N ALA A 148 19.58 -4.61 -18.72
CA ALA A 148 19.38 -6.07 -18.73
C ALA A 148 17.94 -6.51 -18.43
N LEU A 149 17.10 -5.61 -17.90
CA LEU A 149 15.67 -5.88 -17.68
C LEU A 149 14.75 -5.43 -18.82
N SER A 150 15.28 -4.71 -19.82
CA SER A 150 14.43 -4.30 -20.93
C SER A 150 13.79 -5.52 -21.62
N GLY A 151 12.49 -5.45 -21.83
CA GLY A 151 11.73 -6.55 -22.38
C GLY A 151 11.80 -7.80 -21.55
N LYS A 152 11.75 -7.64 -20.23
CA LYS A 152 11.62 -8.75 -19.33
C LYS A 152 10.39 -8.50 -18.46
N GLY A 153 10.08 -9.49 -17.63
CA GLY A 153 9.09 -9.37 -16.58
C GLY A 153 7.68 -9.76 -16.99
N ALA A 154 7.55 -10.38 -18.16
CA ALA A 154 6.26 -10.94 -18.61
C ALA A 154 5.57 -11.79 -17.51
N PRO A 155 4.26 -11.55 -17.27
CA PRO A 155 3.50 -12.22 -16.22
C PRO A 155 2.90 -13.56 -16.60
N GLU A 156 3.07 -13.97 -17.86
CA GLU A 156 2.44 -15.20 -18.35
C GLU A 156 3.27 -16.38 -17.91
N PRO A 157 2.62 -17.43 -17.36
CA PRO A 157 3.39 -18.59 -16.89
C PRO A 157 4.02 -19.34 -18.03
N GLY A 158 5.17 -19.96 -17.75
CA GLY A 158 5.95 -20.65 -18.76
C GLY A 158 7.13 -19.83 -19.23
N THR A 159 7.01 -18.51 -19.17
CA THR A 159 8.11 -17.62 -19.48
C THR A 159 9.36 -18.03 -18.69
N GLN A 160 10.46 -18.27 -19.41
CA GLN A 160 11.69 -18.73 -18.78
C GLN A 160 12.33 -17.56 -18.04
N ASP A 161 13.07 -17.88 -16.98
CA ASP A 161 13.69 -16.87 -16.16
C ASP A 161 14.85 -16.28 -16.96
N ALA A 162 14.86 -14.94 -17.09
CA ALA A 162 15.98 -14.21 -17.73
C ALA A 162 17.33 -14.45 -17.09
N SER A 163 17.39 -14.86 -15.83
CA SER A 163 18.65 -15.24 -15.18
C SER A 163 19.78 -14.25 -15.51
N ILE A 164 19.50 -12.99 -15.18
CA ILE A 164 20.43 -11.94 -15.40
C ILE A 164 21.43 -12.04 -14.30
N PRO A 165 22.72 -12.06 -14.63
CA PRO A 165 23.63 -12.14 -13.51
C PRO A 165 23.51 -10.89 -12.60
N VAL A 166 23.69 -11.17 -11.33
CA VAL A 166 23.58 -10.20 -10.29
C VAL A 166 24.29 -8.90 -10.65
N GLU A 167 25.43 -9.00 -11.34
CA GLU A 167 26.22 -7.85 -11.83
C GLU A 167 25.46 -6.91 -12.81
N LYS A 168 24.41 -7.40 -13.46
CA LYS A 168 23.66 -6.61 -14.44
C LYS A 168 22.24 -6.24 -14.00
N LEU A 169 21.85 -6.62 -12.79
CA LEU A 169 20.63 -6.08 -12.15
C LEU A 169 20.94 -4.68 -11.62
N PRO A 170 19.89 -3.91 -11.25
CA PRO A 170 20.13 -2.52 -10.88
C PRO A 170 21.23 -2.41 -9.83
N ARG A 171 22.22 -1.58 -10.12
CA ARG A 171 23.34 -1.30 -9.25
C ARG A 171 23.25 0.12 -8.75
N CYS A 172 23.73 0.31 -7.54
CA CYS A 172 23.80 1.63 -6.92
C CYS A 172 24.58 2.59 -7.79
N GLU A 173 24.12 3.83 -7.95
CA GLU A 173 24.87 4.79 -8.76
C GLU A 173 25.77 5.74 -7.95
N GLU A 174 25.64 5.75 -6.63
CA GLU A 174 26.56 6.46 -5.75
C GLU A 174 28.02 6.21 -6.14
N ALA A 175 28.80 7.27 -6.25
CA ALA A 175 30.22 7.14 -6.62
C ALA A 175 30.92 6.16 -5.68
N GLY A 176 31.47 5.10 -6.25
CA GLY A 176 32.31 4.17 -5.50
C GLY A 176 31.63 2.95 -4.94
N CYS A 177 30.31 2.87 -5.06
CA CYS A 177 29.57 1.82 -4.38
C CYS A 177 29.44 0.55 -5.21
N GLY A 178 28.72 0.64 -6.34
CA GLY A 178 28.43 -0.55 -7.16
C GLY A 178 27.50 -1.61 -6.52
N GLY A 179 26.89 -1.30 -5.38
CA GLY A 179 26.09 -2.28 -4.64
C GLY A 179 24.83 -2.65 -5.40
N LEU A 180 24.31 -3.83 -5.10
CA LEU A 180 23.11 -4.35 -5.72
C LEU A 180 21.91 -3.64 -5.11
N LEU A 181 21.04 -3.07 -5.95
CA LEU A 181 19.84 -2.47 -5.42
C LEU A 181 18.76 -3.51 -5.20
N ARG A 182 17.88 -3.25 -4.23
CA ARG A 182 16.56 -3.89 -4.12
C ARG A 182 15.44 -2.87 -4.13
N PRO A 183 14.20 -3.33 -4.37
CA PRO A 183 13.08 -2.41 -4.18
C PRO A 183 12.97 -1.97 -2.75
N HIS A 184 12.62 -0.70 -2.50
CA HIS A 184 12.41 -0.20 -1.14
C HIS A 184 10.93 -0.48 -0.78
N VAL A 185 10.68 -1.76 -0.59
CA VAL A 185 9.43 -2.29 -0.19
C VAL A 185 9.68 -3.16 1.01
N VAL A 186 8.72 -3.16 1.90
CA VAL A 186 8.77 -4.02 3.08
C VAL A 186 8.30 -5.41 2.66
N TRP A 187 9.19 -6.37 2.81
CA TRP A 187 8.84 -7.74 2.51
C TRP A 187 8.36 -8.50 3.74
N PHE A 188 7.65 -9.59 3.51
CA PHE A 188 7.17 -10.46 4.55
C PHE A 188 8.39 -11.03 5.25
N GLY A 189 8.40 -10.94 6.55
CA GLY A 189 9.54 -11.36 7.34
C GLY A 189 10.36 -10.20 7.81
N GLU A 190 10.10 -9.02 7.24
CA GLU A 190 10.83 -7.82 7.62
C GLU A 190 9.97 -6.89 8.41
N ASN A 191 10.63 -5.95 9.06
CA ASN A 191 9.95 -4.95 9.83
C ASN A 191 9.65 -3.69 9.02
N LEU A 192 8.57 -3.05 9.40
CA LEU A 192 8.26 -1.74 8.93
C LEU A 192 9.30 -0.78 9.50
N ASP A 193 9.52 0.32 8.77
CA ASP A 193 10.48 1.36 9.11
C ASP A 193 10.04 2.01 10.42
N PRO A 194 10.97 2.11 11.41
CA PRO A 194 10.61 2.69 12.72
C PRO A 194 10.15 4.12 12.66
N ALA A 195 10.69 4.90 11.74
CA ALA A 195 10.22 6.28 11.55
C ALA A 195 8.77 6.29 11.08
N ILE A 196 8.44 5.34 10.22
CA ILE A 196 7.06 5.18 9.77
C ILE A 196 6.15 4.72 10.91
N LEU A 197 6.57 3.73 11.69
CA LEU A 197 5.75 3.22 12.83
C LEU A 197 5.42 4.28 13.87
N GLU A 198 6.32 5.22 14.13
CA GLU A 198 6.01 6.30 15.07
C GLU A 198 5.01 7.28 14.52
N GLU A 199 5.16 7.65 13.25
CA GLU A 199 4.13 8.51 12.63
C GLU A 199 2.76 7.87 12.80
N VAL A 200 2.69 6.56 12.58
CA VAL A 200 1.41 5.83 12.66
C VAL A 200 0.92 5.76 14.10
N ASP A 201 1.82 5.40 15.03
CA ASP A 201 1.43 5.33 16.43
C ASP A 201 0.72 6.61 16.84
N ARG A 202 1.30 7.74 16.48
CA ARG A 202 0.71 9.02 16.82
C ARG A 202 -0.64 9.21 16.15
N GLU A 203 -0.73 8.86 14.87
CA GLU A 203 -1.98 9.07 14.12
C GLU A 203 -3.11 8.23 14.72
N LEU A 204 -2.81 6.98 14.97
CA LEU A 204 -3.79 6.11 15.57
C LEU A 204 -4.23 6.52 16.98
N ALA A 205 -3.33 7.08 17.77
CA ALA A 205 -3.63 7.50 19.14
C ALA A 205 -4.57 8.70 19.20
N HIS A 206 -4.29 9.73 18.41
CA HIS A 206 -5.05 10.99 18.49
C HIS A 206 -6.13 11.05 17.45
N CYS A 207 -6.27 9.96 16.71
CA CYS A 207 -7.39 9.69 15.82
C CYS A 207 -8.76 9.95 16.44
N ASP A 208 -9.69 10.09 15.54
CA ASP A 208 -10.95 10.78 15.68
C ASP A 208 -12.09 9.90 15.18
N LEU A 209 -11.88 9.41 13.97
CA LEU A 209 -12.81 8.59 13.27
C LEU A 209 -11.86 7.80 12.37
N CYS A 210 -12.06 6.52 12.27
CA CYS A 210 -11.15 5.76 11.44
C CYS A 210 -11.91 5.16 10.29
N LEU A 211 -11.32 5.20 9.10
CA LEU A 211 -11.88 4.50 7.95
C LEU A 211 -10.89 3.43 7.52
N VAL A 212 -11.39 2.26 7.19
CA VAL A 212 -10.61 1.18 6.65
C VAL A 212 -11.23 0.80 5.32
N VAL A 213 -10.49 1.00 4.27
CA VAL A 213 -11.02 0.92 2.94
C VAL A 213 -10.26 -0.11 2.13
N GLY A 214 -11.00 -0.98 1.45
CA GLY A 214 -10.41 -2.02 0.60
C GLY A 214 -9.21 -2.82 1.16
N THR A 215 -9.28 -3.18 2.42
CA THR A 215 -8.31 -4.01 3.09
C THR A 215 -8.96 -5.36 3.29
N SER A 216 -8.24 -6.45 3.05
CA SER A 216 -8.77 -7.77 3.42
C SER A 216 -8.54 -8.08 4.91
N SER A 217 -7.62 -7.33 5.53
CA SER A 217 -7.32 -7.38 6.97
C SER A 217 -6.68 -8.72 7.31
N VAL A 218 -5.74 -9.12 6.48
CA VAL A 218 -4.95 -10.31 6.70
C VAL A 218 -3.45 -10.07 6.65
N VAL A 219 -2.99 -8.81 6.55
CA VAL A 219 -1.57 -8.47 6.58
C VAL A 219 -1.29 -7.61 7.80
N TYR A 220 -0.40 -8.11 8.64
CA TYR A 220 -0.02 -7.50 9.90
C TYR A 220 1.26 -6.78 9.62
N PRO A 221 1.56 -5.71 10.34
CA PRO A 221 0.69 -5.17 11.40
C PRO A 221 -0.54 -4.37 10.90
N ALA A 222 -0.67 -4.08 9.61
CA ALA A 222 -1.62 -3.08 9.12
C ALA A 222 -3.04 -3.43 9.58
N ALA A 223 -3.35 -4.72 9.55
CA ALA A 223 -4.57 -5.30 10.10
C ALA A 223 -4.92 -4.94 11.53
N MET A 224 -3.93 -4.69 12.40
CA MET A 224 -4.24 -4.32 13.82
C MET A 224 -4.60 -2.84 14.01
N PHE A 225 -4.33 -2.00 13.01
CA PHE A 225 -4.41 -0.53 13.22
C PHE A 225 -5.80 -0.07 13.52
N ALA A 226 -6.77 -0.52 12.75
CA ALA A 226 -8.17 -0.11 13.01
C ALA A 226 -8.76 -0.79 14.25
N PRO A 227 -8.51 -2.10 14.42
CA PRO A 227 -8.88 -2.71 15.69
C PRO A 227 -8.31 -1.99 16.93
N GLN A 228 -7.09 -1.46 16.85
CA GLN A 228 -6.51 -0.64 17.92
C GLN A 228 -7.41 0.53 18.27
N VAL A 229 -7.80 1.27 17.25
CA VAL A 229 -8.61 2.45 17.38
C VAL A 229 -10.02 2.13 17.93
N ALA A 230 -10.64 1.05 17.45
CA ALA A 230 -11.99 0.70 17.88
C ALA A 230 -12.00 0.39 19.38
N ALA A 231 -11.00 -0.38 19.82
CA ALA A 231 -10.76 -0.72 21.23
C ALA A 231 -10.71 0.51 22.16
N ARG A 232 -10.24 1.61 21.62
CA ARG A 232 -10.26 2.91 22.30
C ARG A 232 -11.65 3.59 22.31
N GLY A 233 -12.73 2.88 21.95
CA GLY A 233 -14.07 3.49 21.81
C GLY A 233 -14.30 4.46 20.66
N VAL A 234 -13.40 4.43 19.67
CA VAL A 234 -13.46 5.31 18.50
C VAL A 234 -14.17 4.56 17.35
N PRO A 235 -15.13 5.21 16.69
CA PRO A 235 -15.85 4.50 15.61
C PRO A 235 -14.96 4.25 14.40
N VAL A 236 -15.14 3.09 13.79
CA VAL A 236 -14.42 2.69 12.61
C VAL A 236 -15.39 2.19 11.55
N ALA A 237 -15.30 2.73 10.34
CA ALA A 237 -16.10 2.29 9.22
C ALA A 237 -15.22 1.52 8.29
N GLU A 238 -15.66 0.33 7.95
CA GLU A 238 -14.99 -0.54 7.05
C GLU A 238 -15.71 -0.47 5.72
N PHE A 239 -15.04 -0.02 4.68
CA PHE A 239 -15.61 0.01 3.34
C PHE A 239 -14.93 -1.11 2.53
N ASN A 240 -15.66 -2.16 2.18
CA ASN A 240 -15.06 -3.26 1.47
C ASN A 240 -16.13 -3.99 0.72
N THR A 241 -15.74 -4.67 -0.35
CA THR A 241 -16.71 -5.41 -1.19
C THR A 241 -17.32 -6.69 -0.54
N GLU A 242 -16.72 -7.10 0.59
CA GLU A 242 -16.86 -8.43 1.20
C GLU A 242 -16.35 -8.33 2.66
N THR A 243 -17.02 -9.01 3.59
CA THR A 243 -16.66 -8.96 5.02
C THR A 243 -15.28 -9.61 5.30
N THR A 244 -14.64 -9.19 6.40
CA THR A 244 -13.27 -9.65 6.78
C THR A 244 -13.25 -10.32 8.16
N PRO A 245 -12.11 -10.95 8.53
CA PRO A 245 -11.93 -11.40 9.93
C PRO A 245 -11.96 -10.30 11.01
N ALA A 246 -11.79 -9.04 10.64
CA ALA A 246 -11.87 -7.97 11.62
C ALA A 246 -13.17 -7.17 11.61
N THR A 247 -14.03 -7.38 10.65
CA THR A 247 -15.17 -6.51 10.45
C THR A 247 -16.04 -6.40 11.71
N ASN A 248 -16.30 -7.53 12.35
CA ASN A 248 -17.14 -7.62 13.55
C ASN A 248 -16.66 -6.82 14.75
N ARG A 249 -15.43 -6.29 14.68
CA ARG A 249 -14.90 -5.39 15.72
C ARG A 249 -15.20 -3.91 15.43
N PHE A 250 -15.83 -3.61 14.30
CA PHE A 250 -15.98 -2.22 13.82
C PHE A 250 -17.42 -1.77 13.95
N ARG A 251 -17.59 -0.48 14.20
CA ARG A 251 -18.88 0.12 14.28
C ARG A 251 -19.69 -0.05 12.99
N PHE A 252 -19.06 0.24 11.86
CA PHE A 252 -19.74 0.15 10.56
C PHE A 252 -19.04 -0.79 9.61
N HIS A 253 -19.86 -1.47 8.80
CA HIS A 253 -19.46 -2.06 7.57
C HIS A 253 -20.37 -1.57 6.47
N PHE A 254 -19.79 -0.93 5.46
CA PHE A 254 -20.45 -0.60 4.19
C PHE A 254 -19.88 -1.43 3.04
N GLN A 255 -20.69 -2.22 2.40
CA GLN A 255 -20.13 -2.99 1.36
C GLN A 255 -20.38 -2.36 0.06
N GLY A 256 -19.50 -2.66 -0.86
CA GLY A 256 -19.49 -2.07 -2.17
C GLY A 256 -18.07 -1.83 -2.59
N PRO A 257 -17.86 -1.44 -3.86
CA PRO A 257 -16.59 -0.90 -4.27
C PRO A 257 -16.38 0.43 -3.60
N CYS A 258 -15.19 0.65 -3.05
CA CYS A 258 -14.88 1.92 -2.36
C CYS A 258 -15.09 3.09 -3.33
N GLY A 259 -14.93 2.78 -4.61
CA GLY A 259 -15.32 3.65 -5.72
C GLY A 259 -16.76 4.16 -5.71
N THR A 260 -17.69 3.33 -5.22
CA THR A 260 -19.14 3.67 -5.17
C THR A 260 -19.56 4.33 -3.86
N THR A 261 -18.92 3.94 -2.75
CA THR A 261 -19.39 4.24 -1.39
C THR A 261 -18.70 5.47 -0.75
N LEU A 262 -17.40 5.59 -0.98
CA LEU A 262 -16.60 6.70 -0.44
C LEU A 262 -16.92 8.10 -0.91
N PRO A 263 -17.25 8.28 -2.19
CA PRO A 263 -17.65 9.59 -2.68
C PRO A 263 -18.84 10.16 -1.89
N GLU A 264 -19.80 9.31 -1.56
CA GLU A 264 -20.89 9.68 -0.65
C GLU A 264 -20.40 9.89 0.79
N ALA A 265 -19.73 8.87 1.34
CA ALA A 265 -19.31 8.90 2.75
C ALA A 265 -18.50 10.11 3.07
N LEU A 266 -17.58 10.47 2.17
CA LEU A 266 -16.69 11.61 2.36
C LEU A 266 -17.16 12.95 1.74
N ALA A 267 -18.40 13.01 1.25
CA ALA A 267 -18.92 14.21 0.59
C ALA A 267 -18.98 15.42 1.54
N TYR B 1 5.03 -7.25 16.47
CA TYR B 1 4.29 -5.96 16.25
C TYR B 1 4.67 -5.33 14.90
N ALA B 2 5.98 -5.15 14.66
CA ALA B 2 6.50 -4.44 13.50
C ALA B 2 6.70 -5.36 12.33
N LEU B 3 6.91 -6.64 12.61
CA LEU B 3 7.07 -7.67 11.64
C LEU B 3 5.90 -7.64 10.65
C SLL B 4 5.16 -9.34 8.42
N SLL B 4 6.20 -7.49 9.43
O SLL B 4 5.95 -10.02 7.81
CA SLL B 4 5.29 -7.84 8.34
CB SLL B 4 5.81 -7.31 7.02
CD SLL B 4 5.00 -6.64 4.76
CE SLL B 4 3.97 -6.90 3.69
CG SLL B 4 4.72 -7.50 5.97
CK SLL B 4 4.14 -5.40 0.20
CL SLL B 4 4.65 -6.47 -0.74
CP SLL B 4 4.32 -6.17 -2.19
CX SLL B 4 3.56 -6.10 1.40
OX SLL B 4 2.41 -6.53 1.34
NZ SLL B 4 4.38 -6.23 2.46
OP1 SLL B 4 3.16 -5.73 -2.47
OP2 SLL B 4 5.21 -6.36 -3.06
N ARG B 5 3.90 -9.77 8.20
CA ARG B 5 3.35 -11.19 8.24
C ARG B 5 1.90 -11.28 7.77
N GLN B 6 1.55 -12.45 7.23
CA GLN B 6 0.17 -12.78 6.84
C GLN B 6 -0.55 -13.57 7.94
N GLY B 7 -1.87 -13.75 7.81
CA GLY B 7 -2.59 -14.75 8.61
C GLY B 7 -4.10 -14.71 8.54
ZN ZN C . 25.14 1.95 -2.65
#